data_3EOI
#
_entry.id   3EOI
#
_cell.length_a   44.754
_cell.length_b   54.213
_cell.length_c   50.091
_cell.angle_alpha   90.000
_cell.angle_beta   100.510
_cell.angle_gamma   90.000
#
_symmetry.space_group_name_H-M   'P 1 21 1'
#
loop_
_entity.id
_entity.type
_entity.pdbx_description
1 polymer PilM
2 water water
#
_entity_poly.entity_id   1
_entity_poly.type   'polypeptide(L)'
_entity_poly.pdbx_seq_one_letter_code
;SLSRTVHHQQTAEITQQAADFIRYMNAINDYLYQHPERRAAGGQLTSAQLGLPATKNVSHLISQQRVFVWAKEKPGLMGA
LLEQSGDSALLARVENGRLLDTHGRRISITLPAVIPDQVIIWMN
;
_entity_poly.pdbx_strand_id   A,B
#
# COMPACT_ATOMS: atom_id res chain seq x y z
N LEU A 2 -29.24 -20.06 -37.51
CA LEU A 2 -27.87 -19.57 -37.88
C LEU A 2 -27.36 -18.38 -37.07
N SER A 3 -26.46 -18.57 -36.10
CA SER A 3 -25.77 -17.38 -35.56
C SER A 3 -24.56 -17.04 -36.41
N ARG A 4 -24.44 -15.77 -36.79
CA ARG A 4 -23.35 -15.40 -37.63
C ARG A 4 -22.23 -14.75 -36.84
N THR A 5 -22.41 -14.65 -35.52
CA THR A 5 -21.48 -13.89 -34.69
C THR A 5 -20.07 -14.50 -34.72
N VAL A 6 -19.06 -13.66 -34.93
CA VAL A 6 -17.67 -14.10 -34.85
C VAL A 6 -17.19 -13.89 -33.43
N HIS A 7 -16.91 -14.98 -32.70
CA HIS A 7 -16.51 -14.82 -31.31
C HIS A 7 -15.00 -14.61 -31.15
N HIS A 8 -14.54 -14.27 -29.94
CA HIS A 8 -13.11 -14.34 -29.62
C HIS A 8 -12.29 -13.32 -30.37
N GLN A 9 -12.82 -12.10 -30.47
CA GLN A 9 -12.08 -11.03 -31.18
C GLN A 9 -11.39 -10.07 -30.23
N GLN A 10 -10.86 -10.63 -29.15
CA GLN A 10 -10.19 -9.80 -28.13
C GLN A 10 -9.05 -8.93 -28.64
N THR A 11 -8.15 -9.47 -29.46
CA THR A 11 -7.05 -8.60 -29.94
C THR A 11 -7.56 -7.49 -30.87
N ALA A 12 -8.47 -7.83 -31.76
CA ALA A 12 -9.08 -6.78 -32.59
C ALA A 12 -9.73 -5.70 -31.70
N GLU A 13 -10.46 -6.13 -30.67
CA GLU A 13 -11.14 -5.20 -29.76
C GLU A 13 -10.12 -4.29 -29.04
N ILE A 14 -9.04 -4.87 -28.48
CA ILE A 14 -8.11 -3.99 -27.73
C ILE A 14 -7.35 -3.09 -28.67
N THR A 15 -7.10 -3.56 -29.90
CA THR A 15 -6.44 -2.69 -30.85
C THR A 15 -7.25 -1.44 -31.14
N GLN A 16 -8.56 -1.60 -31.34
CA GLN A 16 -9.41 -0.47 -31.62
C GLN A 16 -9.66 0.38 -30.36
N GLN A 17 -9.79 -0.27 -29.20
CA GLN A 17 -9.92 0.46 -27.95
C GLN A 17 -8.68 1.33 -27.71
N ALA A 18 -7.46 0.85 -27.98
CA ALA A 18 -6.30 1.67 -27.73
C ALA A 18 -6.26 2.79 -28.71
N ALA A 19 -6.62 2.53 -29.98
CA ALA A 19 -6.57 3.60 -30.97
C ALA A 19 -7.56 4.69 -30.61
N ASP A 20 -8.77 4.28 -30.20
CA ASP A 20 -9.75 5.28 -29.74
C ASP A 20 -9.27 6.09 -28.52
N PHE A 21 -8.74 5.37 -27.52
CA PHE A 21 -8.18 6.02 -26.33
C PHE A 21 -7.14 7.09 -26.77
N ILE A 22 -6.21 6.69 -27.63
CA ILE A 22 -5.11 7.60 -27.95
C ILE A 22 -5.66 8.81 -28.70
N ARG A 23 -6.63 8.57 -29.57
CA ARG A 23 -7.23 9.66 -30.36
C ARG A 23 -7.89 10.68 -29.49
N TYR A 24 -8.68 10.21 -28.53
CA TYR A 24 -9.38 11.11 -27.59
C TYR A 24 -8.41 11.79 -26.63
N MET A 25 -7.51 11.00 -26.01
CA MET A 25 -6.43 11.57 -25.21
C MET A 25 -5.73 12.74 -25.93
N ASN A 26 -5.23 12.50 -27.16
CA ASN A 26 -4.52 13.56 -27.93
C ASN A 26 -5.42 14.77 -28.16
N ALA A 27 -6.68 14.53 -28.49
CA ALA A 27 -7.58 15.68 -28.75
C ALA A 27 -7.85 16.51 -27.49
N ILE A 28 -8.02 15.81 -26.37
CA ILE A 28 -8.22 16.48 -25.10
C ILE A 28 -6.99 17.23 -24.64
N ASN A 29 -5.85 16.56 -24.76
CA ASN A 29 -4.56 17.13 -24.40
C ASN A 29 -4.27 18.38 -25.23
N ASP A 30 -4.46 18.28 -26.54
CA ASP A 30 -4.19 19.40 -27.39
C ASP A 30 -5.09 20.58 -27.06
N TYR A 31 -6.37 20.32 -26.81
CA TYR A 31 -7.29 21.43 -26.49
C TYR A 31 -6.84 22.10 -25.19
N LEU A 32 -6.58 21.31 -24.15
CA LEU A 32 -6.24 21.93 -22.87
C LEU A 32 -4.87 22.58 -22.89
N TYR A 33 -3.95 22.09 -23.71
CA TYR A 33 -2.67 22.81 -23.87
C TYR A 33 -2.87 24.20 -24.48
N GLN A 34 -3.69 24.26 -25.52
CA GLN A 34 -4.10 25.56 -26.12
C GLN A 34 -4.84 26.49 -25.16
N HIS A 35 -5.70 25.90 -24.32
CA HIS A 35 -6.62 26.63 -23.46
C HIS A 35 -6.53 26.17 -22.01
N PRO A 36 -5.41 26.45 -21.36
CA PRO A 36 -5.23 25.90 -20.03
C PRO A 36 -6.28 26.45 -19.07
N GLU A 37 -6.84 27.62 -19.34
CA GLU A 37 -7.85 28.17 -18.44
C GLU A 37 -9.14 27.33 -18.34
N ARG A 38 -9.34 26.45 -19.33
CA ARG A 38 -10.53 25.58 -19.35
C ARG A 38 -10.48 24.55 -18.18
N ARG A 39 -9.27 24.26 -17.71
CA ARG A 39 -9.12 23.30 -16.57
C ARG A 39 -9.96 23.62 -15.32
N ALA A 40 -10.10 24.89 -15.02
CA ALA A 40 -10.77 25.29 -13.80
C ALA A 40 -12.24 24.97 -13.81
N ALA A 41 -12.83 24.86 -14.99
CA ALA A 41 -14.28 24.75 -15.01
C ALA A 41 -14.79 23.31 -14.73
N GLY A 42 -13.95 22.31 -14.91
CA GLY A 42 -14.44 20.94 -14.70
C GLY A 42 -15.23 20.30 -15.83
N GLY A 43 -15.86 19.17 -15.53
CA GLY A 43 -16.82 18.57 -16.49
C GLY A 43 -16.05 17.96 -17.63
N GLN A 44 -16.61 18.05 -18.82
CA GLN A 44 -15.99 17.44 -19.98
C GLN A 44 -15.89 18.45 -21.12
N LEU A 45 -14.95 18.20 -22.02
CA LEU A 45 -14.87 18.97 -23.25
C LEU A 45 -15.95 18.43 -24.18
N THR A 46 -16.38 19.23 -25.13
CA THR A 46 -17.48 18.77 -26.01
C THR A 46 -17.00 18.12 -27.29
N SER A 47 -17.93 17.48 -27.99
CA SER A 47 -17.63 16.89 -29.32
C SER A 47 -17.12 17.91 -30.29
N ALA A 48 -17.70 19.10 -30.28
CA ALA A 48 -17.19 20.15 -31.14
C ALA A 48 -15.75 20.52 -30.79
N GLN A 49 -15.44 20.69 -29.49
CA GLN A 49 -14.05 21.02 -29.10
C GLN A 49 -13.04 19.95 -29.48
N LEU A 50 -13.43 18.70 -29.35
CA LEU A 50 -12.53 17.59 -29.69
C LEU A 50 -12.49 17.26 -31.20
N GLY A 51 -13.50 17.71 -31.93
CA GLY A 51 -13.63 17.28 -33.32
C GLY A 51 -13.91 15.80 -33.50
N LEU A 52 -14.51 15.17 -32.50
CA LEU A 52 -14.74 13.75 -32.54
C LEU A 52 -16.18 13.54 -32.05
N PRO A 53 -16.91 12.57 -32.62
CA PRO A 53 -18.24 12.42 -32.08
C PRO A 53 -18.17 11.69 -30.78
N ALA A 54 -19.33 11.40 -30.21
CA ALA A 54 -19.48 10.58 -29.02
C ALA A 54 -18.81 9.21 -29.16
N THR A 55 -18.32 8.69 -28.05
CA THR A 55 -17.68 7.40 -28.09
C THR A 55 -18.08 6.60 -26.88
N LYS A 56 -18.10 5.28 -27.02
CA LYS A 56 -18.59 4.44 -25.96
C LYS A 56 -17.46 3.81 -25.16
N ASN A 57 -16.25 3.76 -25.72
CA ASN A 57 -15.22 3.02 -25.05
C ASN A 57 -14.09 3.86 -24.45
N VAL A 58 -14.27 5.18 -24.39
CA VAL A 58 -13.28 6.02 -23.68
C VAL A 58 -14.02 7.14 -22.97
N SER A 59 -13.66 7.43 -21.70
CA SER A 59 -14.36 8.42 -20.87
C SER A 59 -13.32 9.41 -20.36
N HIS A 60 -13.81 10.61 -20.02
CA HIS A 60 -12.97 11.60 -19.42
C HIS A 60 -13.68 12.53 -18.46
N LEU A 61 -12.86 13.20 -17.66
CA LEU A 61 -13.41 14.11 -16.67
C LEU A 61 -12.31 15.06 -16.27
N ILE A 62 -12.65 16.34 -16.20
CA ILE A 62 -11.76 17.33 -15.61
C ILE A 62 -12.19 17.59 -14.16
N SER A 63 -11.27 17.42 -13.21
CA SER A 63 -11.58 17.57 -11.78
C SER A 63 -10.38 18.12 -11.04
N GLN A 64 -10.62 19.15 -10.23
CA GLN A 64 -9.54 19.78 -9.53
C GLN A 64 -8.38 20.14 -10.51
N GLN A 65 -8.79 20.67 -11.65
CA GLN A 65 -7.85 21.15 -12.71
C GLN A 65 -6.93 20.09 -13.34
N ARG A 66 -7.22 18.83 -13.14
CA ARG A 66 -6.48 17.78 -13.85
C ARG A 66 -7.50 17.07 -14.72
N VAL A 67 -7.04 16.53 -15.82
CA VAL A 67 -7.90 15.77 -16.67
C VAL A 67 -7.53 14.29 -16.59
N PHE A 68 -8.58 13.48 -16.60
CA PHE A 68 -8.47 12.03 -16.47
C PHE A 68 -9.18 11.41 -17.67
N VAL A 69 -8.53 10.44 -18.28
CA VAL A 69 -9.06 9.75 -19.45
C VAL A 69 -8.88 8.25 -19.17
N TRP A 70 -9.93 7.49 -19.37
CA TRP A 70 -9.81 6.08 -18.97
C TRP A 70 -10.62 5.12 -19.81
N ALA A 71 -10.17 3.86 -19.73
CA ALA A 71 -10.90 2.76 -20.41
C ALA A 71 -10.82 1.50 -19.59
N LYS A 72 -11.85 0.65 -19.72
CA LYS A 72 -11.89 -0.62 -19.01
C LYS A 72 -10.65 -1.45 -19.35
N GLU A 73 -9.97 -1.96 -18.33
CA GLU A 73 -8.72 -2.73 -18.52
C GLU A 73 -9.04 -4.12 -19.13
N LYS A 74 -8.14 -4.53 -20.02
CA LYS A 74 -8.13 -5.87 -20.61
C LYS A 74 -6.73 -6.34 -20.73
N PRO A 75 -6.55 -7.67 -20.80
CA PRO A 75 -5.19 -8.14 -21.01
C PRO A 75 -4.59 -7.53 -22.27
N GLY A 76 -3.36 -7.00 -22.17
CA GLY A 76 -2.62 -6.47 -23.29
C GLY A 76 -3.08 -5.07 -23.72
N LEU A 77 -4.13 -4.52 -23.11
CA LEU A 77 -4.54 -3.17 -23.50
C LEU A 77 -3.40 -2.20 -23.17
N MET A 78 -2.69 -2.40 -22.05
CA MET A 78 -1.61 -1.46 -21.70
C MET A 78 -0.54 -1.51 -22.77
N GLY A 79 -0.16 -2.73 -23.18
CA GLY A 79 0.90 -2.85 -24.22
C GLY A 79 0.43 -2.25 -25.55
N ALA A 80 -0.88 -2.31 -25.85
CA ALA A 80 -1.35 -1.76 -27.12
C ALA A 80 -1.32 -0.22 -27.04
N LEU A 81 -1.67 0.32 -25.88
CA LEU A 81 -1.58 1.76 -25.71
C LEU A 81 -0.17 2.22 -25.84
N LEU A 82 0.73 1.47 -25.22
CA LEU A 82 2.17 1.82 -25.37
C LEU A 82 2.67 1.67 -26.82
N GLU A 83 2.29 0.60 -27.47
CA GLU A 83 2.68 0.48 -28.87
C GLU A 83 2.22 1.66 -29.71
N GLN A 84 0.95 2.00 -29.59
CA GLN A 84 0.34 2.97 -30.52
C GLN A 84 0.73 4.40 -30.15
N SER A 85 1.41 4.57 -29.01
CA SER A 85 1.97 5.87 -28.59
C SER A 85 3.51 5.87 -28.60
N GLY A 86 4.15 4.86 -29.23
CA GLY A 86 5.62 4.85 -29.35
C GLY A 86 6.25 4.82 -27.96
N ASP A 87 5.54 4.19 -27.03
CA ASP A 87 5.99 4.03 -25.64
C ASP A 87 6.01 5.30 -24.86
N SER A 88 5.30 6.31 -25.36
CA SER A 88 5.37 7.64 -24.76
C SER A 88 4.22 7.98 -23.81
N ALA A 89 3.06 7.31 -23.90
CA ALA A 89 1.94 7.67 -23.00
C ALA A 89 2.27 7.34 -21.55
N LEU A 90 2.06 8.28 -20.67
CA LEU A 90 2.31 8.02 -19.23
C LEU A 90 1.00 7.61 -18.59
N LEU A 91 0.90 6.31 -18.28
CA LEU A 91 -0.34 5.68 -17.89
C LEU A 91 -0.29 5.14 -16.46
N ALA A 92 -1.45 4.89 -15.93
CA ALA A 92 -1.66 4.35 -14.56
C ALA A 92 -2.88 3.44 -14.54
N ARG A 93 -3.22 2.94 -13.34
CA ARG A 93 -4.28 1.98 -13.13
C ARG A 93 -5.15 2.40 -11.96
N VAL A 94 -6.42 1.99 -11.93
CA VAL A 94 -7.25 2.24 -10.72
C VAL A 94 -7.71 0.89 -10.26
N GLU A 95 -7.43 0.60 -8.99
CA GLU A 95 -7.79 -0.66 -8.36
C GLU A 95 -8.24 -0.34 -6.93
N ASN A 96 -9.39 -0.89 -6.53
CA ASN A 96 -9.92 -0.60 -5.20
C ASN A 96 -9.96 0.88 -4.80
N GLY A 97 -10.41 1.72 -5.74
CA GLY A 97 -10.52 3.14 -5.54
C GLY A 97 -9.22 3.91 -5.45
N ARG A 98 -8.10 3.25 -5.72
CA ARG A 98 -6.77 3.86 -5.61
C ARG A 98 -6.06 3.98 -6.96
N LEU A 99 -5.35 5.10 -7.12
CA LEU A 99 -4.51 5.29 -8.29
C LEU A 99 -3.19 4.60 -8.06
N LEU A 100 -2.85 3.70 -8.99
CA LEU A 100 -1.60 2.91 -8.95
C LEU A 100 -0.74 3.19 -10.18
N ASP A 101 0.55 3.26 -9.97
CA ASP A 101 1.42 3.43 -11.14
C ASP A 101 1.55 2.09 -11.90
N THR A 102 2.27 2.07 -13.01
CA THR A 102 2.25 0.82 -13.80
C THR A 102 2.97 -0.30 -13.09
N HIS A 103 3.73 0.02 -12.05
CA HIS A 103 4.38 -1.02 -11.24
C HIS A 103 3.58 -1.34 -9.99
N GLY A 104 2.35 -0.83 -9.90
CA GLY A 104 1.41 -1.25 -8.88
C GLY A 104 1.53 -0.48 -7.58
N ARG A 105 2.36 0.56 -7.55
CA ARG A 105 2.58 1.36 -6.34
C ARG A 105 1.56 2.47 -6.26
N ARG A 106 1.03 2.70 -5.08
CA ARG A 106 0.04 3.76 -4.88
C ARG A 106 0.61 5.13 -5.22
N ILE A 107 -0.18 5.94 -5.92
CA ILE A 107 0.06 7.34 -6.09
C ILE A 107 -0.97 8.03 -5.18
N SER A 108 -0.48 8.74 -4.16
CA SER A 108 -1.33 9.28 -3.08
C SER A 108 -2.00 10.59 -3.47
N ILE A 109 -2.90 10.50 -4.46
CA ILE A 109 -3.78 11.58 -4.93
C ILE A 109 -5.16 11.07 -4.62
N THR A 110 -6.07 11.94 -4.25
CA THR A 110 -7.47 11.50 -4.14
C THR A 110 -8.18 11.52 -5.49
N LEU A 111 -8.65 10.36 -5.94
CA LEU A 111 -9.29 10.24 -7.23
C LEU A 111 -10.73 10.72 -7.18
N PRO A 112 -11.21 11.28 -8.30
CA PRO A 112 -12.65 11.57 -8.31
C PRO A 112 -13.44 10.27 -8.09
N ALA A 113 -14.53 10.33 -7.33
CA ALA A 113 -15.28 9.14 -7.00
C ALA A 113 -16.02 8.55 -8.18
N VAL A 114 -16.10 9.27 -9.28
CA VAL A 114 -16.80 8.73 -10.45
C VAL A 114 -15.91 7.96 -11.43
N ILE A 115 -14.64 7.75 -11.08
CA ILE A 115 -13.81 6.88 -11.90
C ILE A 115 -13.90 5.43 -11.40
N PRO A 116 -14.25 4.50 -12.28
CA PRO A 116 -14.41 3.12 -11.82
C PRO A 116 -13.07 2.39 -11.62
N ASP A 117 -13.12 1.28 -10.89
CA ASP A 117 -11.98 0.42 -10.71
C ASP A 117 -11.72 -0.36 -12.00
N GLN A 118 -10.54 -0.95 -12.08
CA GLN A 118 -10.21 -1.88 -13.18
C GLN A 118 -10.22 -1.12 -14.50
N VAL A 119 -9.69 0.11 -14.44
CA VAL A 119 -9.40 0.87 -15.67
C VAL A 119 -7.93 1.18 -15.83
N ILE A 120 -7.53 1.38 -17.09
CA ILE A 120 -6.28 2.06 -17.34
C ILE A 120 -6.57 3.53 -17.53
N ILE A 121 -5.71 4.37 -16.93
CA ILE A 121 -6.02 5.79 -16.86
C ILE A 121 -4.86 6.67 -17.16
N TRP A 122 -5.18 7.83 -17.76
CA TRP A 122 -4.16 8.84 -18.03
C TRP A 122 -4.61 10.11 -17.33
N MET A 123 -3.75 10.65 -16.50
CA MET A 123 -4.12 11.87 -15.77
C MET A 123 -3.07 12.93 -16.08
N ASN A 124 -3.51 14.08 -16.57
CA ASN A 124 -2.58 15.12 -17.05
C ASN A 124 -3.20 16.52 -16.93
N LEU B 2 17.97 23.50 41.79
CA LEU B 2 17.91 22.99 40.38
C LEU B 2 17.53 21.51 40.41
N SER B 3 16.52 21.14 39.63
CA SER B 3 16.05 19.75 39.58
C SER B 3 17.25 18.84 39.62
N ARG B 4 17.10 17.68 40.25
CA ARG B 4 18.13 16.64 40.12
C ARG B 4 17.97 15.77 38.89
N THR B 5 16.86 15.90 38.20
CA THR B 5 16.57 15.01 37.10
C THR B 5 17.58 15.13 35.99
N VAL B 6 17.96 13.98 35.46
CA VAL B 6 18.91 13.91 34.33
C VAL B 6 18.08 13.73 33.07
N HIS B 7 18.06 14.72 32.17
CA HIS B 7 17.18 14.59 31.04
C HIS B 7 17.96 14.00 29.89
N HIS B 8 17.25 13.71 28.78
CA HIS B 8 17.91 13.42 27.54
C HIS B 8 18.70 12.14 27.59
N GLN B 9 18.13 11.12 28.24
CA GLN B 9 18.76 9.79 28.29
C GLN B 9 18.23 8.79 27.23
N GLN B 10 17.98 9.30 26.03
CA GLN B 10 17.30 8.47 25.01
C GLN B 10 18.11 7.26 24.61
N THR B 11 19.44 7.40 24.51
CA THR B 11 20.24 6.23 24.15
C THR B 11 20.22 5.18 25.25
N ALA B 12 20.39 5.60 26.49
CA ALA B 12 20.27 4.64 27.61
C ALA B 12 18.90 3.96 27.62
N GLU B 13 17.85 4.75 27.41
CA GLU B 13 16.49 4.22 27.36
C GLU B 13 16.32 3.20 26.28
N ILE B 14 16.66 3.49 25.02
CA ILE B 14 16.51 2.44 23.98
C ILE B 14 17.40 1.24 24.20
N THR B 15 18.61 1.44 24.74
CA THR B 15 19.44 0.29 25.05
C THR B 15 18.76 -0.69 26.00
N GLN B 16 18.18 -0.15 27.05
CA GLN B 16 17.49 -0.98 28.02
C GLN B 16 16.16 -1.55 27.45
N GLN B 17 15.46 -0.74 26.67
CA GLN B 17 14.22 -1.21 26.04
C GLN B 17 14.55 -2.38 25.10
N ALA B 18 15.64 -2.28 24.31
CA ALA B 18 16.00 -3.39 23.47
C ALA B 18 16.32 -4.63 24.26
N ALA B 19 17.12 -4.47 25.33
CA ALA B 19 17.52 -5.62 26.13
C ALA B 19 16.29 -6.32 26.70
N ASP B 20 15.33 -5.51 27.18
CA ASP B 20 14.11 -6.02 27.85
C ASP B 20 13.31 -6.75 26.75
N PHE B 21 13.17 -6.14 25.56
CA PHE B 21 12.49 -6.79 24.43
C PHE B 21 13.08 -8.15 24.12
N ILE B 22 14.43 -8.17 23.98
CA ILE B 22 15.09 -9.44 23.57
C ILE B 22 14.93 -10.47 24.69
N ARG B 23 14.98 -10.04 25.94
CA ARG B 23 14.89 -11.02 27.02
C ARG B 23 13.50 -11.68 27.02
N TYR B 24 12.48 -10.87 26.82
CA TYR B 24 11.10 -11.38 26.85
C TYR B 24 10.81 -12.17 25.60
N MET B 25 11.23 -11.66 24.42
CA MET B 25 11.15 -12.45 23.17
C MET B 25 11.75 -13.83 23.32
N ASN B 26 12.99 -13.89 23.82
CA ASN B 26 13.65 -15.19 23.99
C ASN B 26 12.89 -16.15 24.93
N ALA B 27 12.35 -15.62 26.02
CA ALA B 27 11.66 -16.46 27.00
C ALA B 27 10.39 -17.01 26.39
N ILE B 28 9.72 -16.16 25.63
CA ILE B 28 8.47 -16.54 25.00
C ILE B 28 8.74 -17.57 23.89
N ASN B 29 9.75 -17.27 23.07
CA ASN B 29 10.10 -18.16 21.93
C ASN B 29 10.47 -19.53 22.48
N ASP B 30 11.26 -19.51 23.54
CA ASP B 30 11.76 -20.79 24.07
C ASP B 30 10.57 -21.58 24.61
N TYR B 31 9.70 -20.94 25.36
CA TYR B 31 8.57 -21.67 25.90
C TYR B 31 7.72 -22.27 24.72
N LEU B 32 7.44 -21.46 23.69
CA LEU B 32 6.54 -21.99 22.65
C LEU B 32 7.24 -22.98 21.74
N TYR B 33 8.54 -22.90 21.63
CA TYR B 33 9.29 -23.96 20.92
C TYR B 33 9.16 -25.28 21.68
N GLN B 34 9.21 -25.22 23.03
CA GLN B 34 9.09 -26.44 23.85
C GLN B 34 7.67 -26.99 23.84
N HIS B 35 6.69 -26.10 23.74
CA HIS B 35 5.28 -26.47 23.88
C HIS B 35 4.46 -25.82 22.75
N PRO B 36 4.68 -26.26 21.51
CA PRO B 36 3.97 -25.66 20.35
C PRO B 36 2.48 -25.76 20.54
N GLU B 37 2.03 -26.78 21.26
CA GLU B 37 0.58 -26.94 21.50
C GLU B 37 -0.07 -25.79 22.22
N ARG B 38 0.74 -25.02 22.93
CA ARG B 38 0.24 -23.90 23.71
C ARG B 38 -0.30 -22.79 22.81
N ARG B 39 0.16 -22.75 21.55
CA ARG B 39 -0.32 -21.71 20.63
C ARG B 39 -1.83 -21.64 20.49
N ALA B 40 -2.48 -22.80 20.46
CA ALA B 40 -3.89 -22.81 20.14
C ALA B 40 -4.77 -22.08 21.13
N ALA B 41 -4.35 -22.05 22.39
CA ALA B 41 -5.19 -21.44 23.42
C ALA B 41 -5.10 -19.91 23.44
N GLY B 42 -4.08 -19.35 22.80
CA GLY B 42 -4.06 -17.86 22.70
C GLY B 42 -3.75 -17.19 24.04
N GLY B 43 -3.99 -15.88 24.16
CA GLY B 43 -3.82 -15.19 25.44
C GLY B 43 -2.34 -14.89 25.70
N GLN B 44 -1.94 -15.06 26.95
CA GLN B 44 -0.61 -14.67 27.39
C GLN B 44 0.02 -15.79 28.19
N LEU B 45 1.33 -15.94 28.05
CA LEU B 45 2.13 -16.80 28.94
C LEU B 45 2.27 -16.09 30.31
N THR B 46 2.39 -16.87 31.37
CA THR B 46 2.53 -16.32 32.70
C THR B 46 3.97 -16.00 33.08
N SER B 47 4.13 -15.24 34.16
CA SER B 47 5.48 -14.94 34.73
C SER B 47 6.20 -16.22 35.05
N ALA B 48 5.46 -17.20 35.57
CA ALA B 48 6.10 -18.44 35.96
C ALA B 48 6.58 -19.14 34.71
N GLN B 49 5.76 -19.20 33.64
CA GLN B 49 6.23 -19.81 32.40
C GLN B 49 7.43 -19.09 31.79
N LEU B 50 7.45 -17.76 31.88
CA LEU B 50 8.57 -17.02 31.27
C LEU B 50 9.79 -17.02 32.13
N GLY B 51 9.57 -17.25 33.43
CA GLY B 51 10.66 -17.05 34.40
C GLY B 51 11.03 -15.59 34.65
N LEU B 52 10.09 -14.67 34.37
CA LEU B 52 10.40 -13.22 34.37
C LEU B 52 9.27 -12.47 35.07
N PRO B 53 9.60 -11.49 35.92
CA PRO B 53 8.61 -10.67 36.56
C PRO B 53 7.80 -9.89 35.51
N ALA B 54 6.65 -9.36 35.91
CA ALA B 54 5.82 -8.59 34.99
C ALA B 54 6.66 -7.46 34.45
N THR B 55 6.27 -6.87 33.34
CA THR B 55 7.00 -5.70 32.87
C THR B 55 6.09 -4.83 32.06
N LYS B 56 6.27 -3.50 32.12
CA LYS B 56 5.46 -2.63 31.27
C LYS B 56 6.22 -2.14 30.04
N ASN B 57 7.47 -2.55 29.91
CA ASN B 57 8.31 -2.17 28.81
C ASN B 57 8.07 -2.92 27.47
N VAL B 58 7.40 -4.05 27.57
CA VAL B 58 7.22 -4.99 26.47
C VAL B 58 5.89 -5.68 26.69
N SER B 59 5.16 -5.95 25.61
CA SER B 59 3.85 -6.65 25.75
C SER B 59 3.81 -7.78 24.75
N HIS B 60 3.01 -8.79 25.03
CA HIS B 60 2.81 -9.91 24.08
C HIS B 60 1.42 -10.45 24.11
N LEU B 61 1.06 -11.13 23.01
CA LEU B 61 -0.21 -11.77 22.87
C LEU B 61 -0.06 -12.93 21.92
N ILE B 62 -0.73 -14.05 22.25
CA ILE B 62 -0.88 -15.16 21.27
C ILE B 62 -2.29 -15.06 20.64
N SER B 63 -2.31 -14.92 19.32
CA SER B 63 -3.59 -14.84 18.61
C SER B 63 -3.51 -15.57 17.28
N GLN B 64 -4.57 -16.32 16.94
CA GLN B 64 -4.55 -17.26 15.77
C GLN B 64 -3.24 -17.96 15.66
N GLN B 65 -2.77 -18.47 16.78
CA GLN B 65 -1.62 -19.37 16.86
C GLN B 65 -0.27 -18.73 16.54
N ARG B 66 -0.26 -17.41 16.47
CA ARG B 66 1.02 -16.68 16.33
C ARG B 66 1.20 -15.82 17.57
N VAL B 67 2.46 -15.63 17.95
CA VAL B 67 2.71 -14.78 19.09
C VAL B 67 3.28 -13.45 18.60
N PHE B 68 2.85 -12.37 19.26
CA PHE B 68 3.26 -11.03 18.88
C PHE B 68 3.91 -10.41 20.09
N VAL B 69 5.12 -9.83 19.92
CA VAL B 69 5.77 -9.10 21.01
C VAL B 69 6.03 -7.69 20.49
N TRP B 70 5.70 -6.66 21.24
CA TRP B 70 5.91 -5.32 20.68
C TRP B 70 6.36 -4.28 21.69
N ALA B 71 6.91 -3.20 21.14
CA ALA B 71 7.32 -2.05 21.99
C ALA B 71 7.21 -0.81 21.17
N LYS B 72 7.00 0.32 21.85
CA LYS B 72 6.89 1.57 21.16
C LYS B 72 8.18 1.92 20.41
N GLU B 73 8.01 2.31 19.15
CA GLU B 73 9.16 2.66 18.30
C GLU B 73 9.87 3.93 18.80
N LYS B 74 11.20 3.98 18.63
CA LYS B 74 12.01 5.15 18.94
C LYS B 74 13.14 5.17 17.96
N PRO B 75 13.72 6.34 17.73
CA PRO B 75 14.84 6.44 16.81
C PRO B 75 15.92 5.45 17.25
N GLY B 76 16.42 4.62 16.32
CA GLY B 76 17.54 3.72 16.62
C GLY B 76 17.12 2.48 17.41
N LEU B 77 15.85 2.39 17.81
CA LEU B 77 15.46 1.18 18.55
C LEU B 77 15.66 -0.09 17.69
N MET B 78 15.32 -0.01 16.40
CA MET B 78 15.42 -1.16 15.51
C MET B 78 16.90 -1.58 15.45
N GLY B 79 17.79 -0.60 15.34
CA GLY B 79 19.23 -0.87 15.28
C GLY B 79 19.74 -1.53 16.55
N ALA B 80 19.22 -1.08 17.68
CA ALA B 80 19.62 -1.61 18.97
C ALA B 80 19.14 -3.08 19.07
N LEU B 81 17.91 -3.32 18.62
CA LEU B 81 17.42 -4.70 18.64
C LEU B 81 18.26 -5.64 17.79
N LEU B 82 18.60 -5.17 16.61
CA LEU B 82 19.51 -5.91 15.74
C LEU B 82 20.87 -6.13 16.36
N GLU B 83 21.46 -5.10 16.95
CA GLU B 83 22.79 -5.24 17.54
C GLU B 83 22.74 -6.30 18.62
N GLN B 84 21.72 -6.23 19.48
CA GLN B 84 21.67 -7.10 20.65
C GLN B 84 21.27 -8.53 20.33
N SER B 85 20.78 -8.75 19.12
CA SER B 85 20.43 -10.10 18.65
C SER B 85 21.38 -10.53 17.54
N GLY B 86 22.51 -9.86 17.42
CA GLY B 86 23.48 -10.27 16.39
C GLY B 86 22.87 -10.29 14.99
N ASP B 87 22.00 -9.33 14.73
CA ASP B 87 21.35 -9.12 13.44
C ASP B 87 20.46 -10.29 13.08
N SER B 88 19.99 -11.03 14.08
CA SER B 88 19.19 -12.22 13.81
C SER B 88 17.67 -12.05 14.00
N ALA B 89 17.23 -11.09 14.84
CA ALA B 89 15.79 -10.96 15.10
C ALA B 89 15.09 -10.56 13.81
N LEU B 90 13.95 -11.20 13.55
CA LEU B 90 13.17 -10.90 12.34
C LEU B 90 12.01 -10.02 12.78
N LEU B 91 12.12 -8.73 12.48
CA LEU B 91 11.24 -7.72 13.05
C LEU B 91 10.40 -7.05 11.97
N ALA B 92 9.34 -6.39 12.41
CA ALA B 92 8.48 -5.61 11.52
C ALA B 92 8.03 -4.37 12.27
N ARG B 93 7.12 -3.61 11.65
CA ARG B 93 6.68 -2.34 12.20
C ARG B 93 5.17 -2.24 12.01
N VAL B 94 4.48 -1.40 12.77
CA VAL B 94 3.04 -1.22 12.52
C VAL B 94 2.79 0.26 12.33
N GLU B 95 2.07 0.61 11.26
CA GLU B 95 1.84 1.99 10.83
C GLU B 95 0.40 2.02 10.37
N ASN B 96 -0.41 2.96 10.88
CA ASN B 96 -1.79 3.08 10.40
C ASN B 96 -2.51 1.78 10.38
N GLY B 97 -2.30 0.96 11.41
CA GLY B 97 -3.05 -0.26 11.55
C GLY B 97 -2.56 -1.40 10.69
N ARG B 98 -1.50 -1.15 9.96
CA ARG B 98 -0.98 -2.17 9.04
C ARG B 98 0.40 -2.69 9.43
N LEU B 99 0.61 -3.99 9.27
CA LEU B 99 1.91 -4.60 9.53
C LEU B 99 2.82 -4.33 8.34
N LEU B 100 4.00 -3.78 8.60
CA LEU B 100 4.98 -3.48 7.53
C LEU B 100 6.29 -4.19 7.78
N ASP B 101 6.97 -4.67 6.72
CA ASP B 101 8.27 -5.27 6.92
C ASP B 101 9.29 -4.16 7.12
N THR B 102 10.56 -4.49 7.26
CA THR B 102 11.50 -3.46 7.68
C THR B 102 11.70 -2.43 6.56
N HIS B 103 11.45 -2.87 5.32
CA HIS B 103 11.55 -2.02 4.12
C HIS B 103 10.23 -1.29 3.87
N GLY B 104 9.31 -1.38 4.82
CA GLY B 104 8.09 -0.59 4.79
C GLY B 104 7.03 -1.12 3.85
N ARG B 105 7.18 -2.36 3.37
CA ARG B 105 6.17 -2.95 2.49
C ARG B 105 5.12 -3.70 3.29
N ARG B 106 3.86 -3.59 2.90
CA ARG B 106 2.81 -4.24 3.70
C ARG B 106 2.97 -5.78 3.75
N ILE B 107 2.68 -6.39 4.90
CA ILE B 107 2.48 -7.82 5.05
C ILE B 107 0.97 -7.98 5.30
N SER B 108 0.31 -8.68 4.37
CA SER B 108 -1.14 -8.67 4.35
C SER B 108 -1.76 -9.69 5.31
N ILE B 109 -1.58 -9.47 6.60
CA ILE B 109 -2.25 -10.25 7.63
C ILE B 109 -3.00 -9.30 8.51
N THR B 110 -4.08 -9.81 9.10
CA THR B 110 -4.89 -8.95 9.94
C THR B 110 -4.30 -8.95 11.33
N LEU B 111 -3.98 -7.77 11.86
CA LEU B 111 -3.41 -7.69 13.23
C LEU B 111 -4.52 -7.78 14.27
N PRO B 112 -4.19 -8.41 15.40
CA PRO B 112 -5.01 -8.25 16.58
C PRO B 112 -5.27 -6.78 16.88
N ALA B 113 -6.48 -6.50 17.35
CA ALA B 113 -6.86 -5.11 17.50
C ALA B 113 -6.03 -4.34 18.51
N VAL B 114 -5.52 -5.02 19.54
CA VAL B 114 -4.82 -4.25 20.56
C VAL B 114 -3.49 -3.69 20.05
N ILE B 115 -2.95 -4.25 18.98
CA ILE B 115 -1.60 -3.77 18.59
C ILE B 115 -1.64 -2.32 18.16
N PRO B 116 -0.90 -1.45 18.86
CA PRO B 116 -0.93 -0.06 18.50
C PRO B 116 -0.06 0.33 17.32
N ASP B 117 -0.26 1.55 16.85
CA ASP B 117 0.56 2.07 15.76
C ASP B 117 1.92 2.47 16.31
N GLN B 118 2.91 2.64 15.44
CA GLN B 118 4.21 3.14 15.88
C GLN B 118 4.82 2.24 16.93
N VAL B 119 4.78 0.92 16.65
CA VAL B 119 5.54 -0.04 17.44
C VAL B 119 6.45 -0.81 16.57
N ILE B 120 7.51 -1.34 17.17
CA ILE B 120 8.27 -2.40 16.49
C ILE B 120 7.72 -3.72 17.00
N ILE B 121 7.62 -4.71 16.08
CA ILE B 121 6.91 -5.93 16.49
C ILE B 121 7.68 -7.13 16.00
N TRP B 122 7.60 -8.20 16.79
CA TRP B 122 8.07 -9.49 16.38
C TRP B 122 6.95 -10.48 16.39
N MET B 123 6.72 -11.20 15.29
CA MET B 123 5.58 -12.12 15.21
C MET B 123 6.20 -13.45 14.77
N ASN B 124 5.98 -14.46 15.60
CA ASN B 124 6.51 -15.77 15.40
C ASN B 124 5.63 -16.91 15.98
#